data_8U5A
#
_entry.id   8U5A
#
_cell.length_a   31.589
_cell.length_b   41.669
_cell.length_c   128.439
_cell.angle_alpha   90.000
_cell.angle_beta   95.130
_cell.angle_gamma   90.000
#
_symmetry.space_group_name_H-M   'P 1 21 1'
#
loop_
_entity.id
_entity.type
_entity.pdbx_description
1 polymer 'Designed myoglobin'
2 non-polymer 'PROTOPORPHYRIN IX CONTAINING FE'
3 water water
#
_entity_poly.entity_id   1
_entity_poly.type   'polypeptide(L)'
_entity_poly.pdbx_seq_one_letter_code
;MSGSEEKAALVLALFDRVEADREEIGAAVLRRTFEEHPETLKKFPRFLELYKKGSPELDALLKEHGKTVLDALIEIARLR
YSGEDYRSLIKELAKSHKEEHKIPIEDLRHIAEALLAVLAERFPDEFGPEARAALTDFLDWFIAEIEEEYKKGGGSGSHH
WGSTHHHHHH
;
_entity_poly.pdbx_strand_id   A,B
#
# COMPACT_ATOMS: atom_id res chain seq x y z
N SER A 4 -21.15 33.38 0.09
CA SER A 4 -20.94 31.98 0.43
C SER A 4 -21.50 31.05 -0.65
N GLU A 5 -22.72 31.34 -1.10
CA GLU A 5 -23.31 30.54 -2.17
C GLU A 5 -22.58 30.74 -3.49
N GLU A 6 -22.07 31.95 -3.73
CA GLU A 6 -21.22 32.17 -4.90
C GLU A 6 -19.93 31.36 -4.81
N LYS A 7 -19.30 31.36 -3.64
CA LYS A 7 -18.07 30.59 -3.46
C LYS A 7 -18.34 29.10 -3.62
N ALA A 8 -19.50 28.62 -3.14
CA ALA A 8 -19.84 27.22 -3.30
C ALA A 8 -19.93 26.85 -4.78
N ALA A 9 -20.59 27.68 -5.58
CA ALA A 9 -20.69 27.41 -7.00
C ALA A 9 -19.34 27.51 -7.69
N LEU A 10 -18.50 28.44 -7.25
CA LEU A 10 -17.17 28.58 -7.85
C LEU A 10 -16.32 27.35 -7.57
N VAL A 11 -16.42 26.79 -6.36
CA VAL A 11 -15.65 25.59 -6.03
C VAL A 11 -16.07 24.43 -6.92
N LEU A 12 -17.38 24.20 -7.04
CA LEU A 12 -17.88 23.07 -7.81
C LEU A 12 -17.54 23.23 -9.30
N ALA A 13 -17.72 24.43 -9.85
CA ALA A 13 -17.37 24.65 -11.25
C ALA A 13 -15.88 24.46 -11.48
N LEU A 14 -15.05 24.89 -10.52
CA LEU A 14 -13.61 24.72 -10.65
C LEU A 14 -13.23 23.25 -10.61
N PHE A 15 -13.84 22.48 -9.70
CA PHE A 15 -13.55 21.05 -9.62
C PHE A 15 -14.12 20.29 -10.81
N ASP A 16 -15.19 20.81 -11.43
CA ASP A 16 -15.66 20.24 -12.68
C ASP A 16 -14.54 20.29 -13.74
N ARG A 17 -13.89 21.44 -13.87
CA ARG A 17 -12.82 21.58 -14.84
C ARG A 17 -11.60 20.75 -14.47
N VAL A 18 -11.31 20.65 -13.16
CA VAL A 18 -10.18 19.84 -12.72
C VAL A 18 -10.44 18.37 -13.00
N GLU A 19 -11.68 17.92 -12.82
CA GLU A 19 -12.01 16.51 -13.05
C GLU A 19 -11.74 16.10 -14.50
N ALA A 20 -11.95 17.02 -15.44
CA ALA A 20 -11.76 16.67 -16.85
C ALA A 20 -10.29 16.50 -17.20
N ASP A 21 -9.39 17.11 -16.45
CA ASP A 21 -7.95 17.05 -16.66
C ASP A 21 -7.24 16.57 -15.41
N ARG A 22 -7.80 15.56 -14.75
CA ARG A 22 -7.31 15.16 -13.42
C ARG A 22 -5.97 14.44 -13.49
N GLU A 23 -5.70 13.72 -14.58
CA GLU A 23 -4.43 13.01 -14.69
C GLU A 23 -3.27 13.98 -14.81
N GLU A 24 -3.38 14.96 -15.72
CA GLU A 24 -2.31 15.94 -15.90
C GLU A 24 -2.19 16.85 -14.69
N ILE A 25 -3.32 17.37 -14.19
CA ILE A 25 -3.28 18.27 -13.05
C ILE A 25 -2.80 17.54 -11.80
N GLY A 26 -3.28 16.31 -11.59
CA GLY A 26 -2.84 15.55 -10.43
C GLY A 26 -1.35 15.26 -10.46
N ALA A 27 -0.82 14.89 -11.63
CA ALA A 27 0.61 14.68 -11.75
C ALA A 27 1.39 15.97 -11.50
N ALA A 28 0.85 17.11 -11.97
CA ALA A 28 1.50 18.38 -11.74
C ALA A 28 1.47 18.78 -10.27
N VAL A 29 0.39 18.45 -9.56
CA VAL A 29 0.31 18.76 -8.14
C VAL A 29 1.33 17.93 -7.35
N LEU A 30 1.43 16.64 -7.66
CA LEU A 30 2.41 15.79 -6.98
C LEU A 30 3.83 16.23 -7.33
N ARG A 31 4.09 16.55 -8.60
CA ARG A 31 5.41 17.03 -8.98
C ARG A 31 5.76 18.31 -8.24
N ARG A 32 4.82 19.25 -8.16
CA ARG A 32 5.06 20.50 -7.46
C ARG A 32 5.35 20.26 -5.98
N THR A 33 4.53 19.43 -5.34
CA THR A 33 4.73 19.13 -3.92
C THR A 33 6.10 18.51 -3.68
N PHE A 34 6.45 17.49 -4.47
CA PHE A 34 7.70 16.77 -4.25
C PHE A 34 8.92 17.65 -4.53
N GLU A 35 8.84 18.55 -5.50
CA GLU A 35 9.98 19.40 -5.82
C GLU A 35 10.17 20.48 -4.76
N GLU A 36 9.08 21.11 -4.33
CA GLU A 36 9.15 22.15 -3.30
C GLU A 36 9.40 21.59 -1.91
N HIS A 37 8.99 20.34 -1.66
CA HIS A 37 9.11 19.72 -0.35
C HIS A 37 9.67 18.32 -0.48
N PRO A 38 10.99 18.20 -0.62
CA PRO A 38 11.60 16.85 -0.59
C PRO A 38 11.35 16.11 0.71
N GLU A 39 11.12 16.84 1.81
CA GLU A 39 10.74 16.19 3.06
C GLU A 39 9.39 15.49 2.94
N THR A 40 8.51 16.00 2.07
CA THR A 40 7.23 15.34 1.85
C THR A 40 7.41 14.10 0.98
N LEU A 41 8.24 14.19 -0.05
CA LEU A 41 8.52 13.04 -0.91
C LEU A 41 9.11 11.90 -0.11
N LYS A 42 9.93 12.21 0.90
CA LYS A 42 10.54 11.18 1.74
C LYS A 42 9.48 10.30 2.41
N LYS A 43 8.31 10.85 2.70
CA LYS A 43 7.25 10.13 3.37
C LYS A 43 6.38 9.32 2.41
N PHE A 44 6.70 9.32 1.12
CA PHE A 44 6.01 8.51 0.11
C PHE A 44 7.03 7.51 -0.43
N PRO A 45 7.13 6.32 0.17
CA PRO A 45 8.25 5.42 -0.17
C PRO A 45 8.29 5.02 -1.64
N ARG A 46 7.15 4.65 -2.23
CA ARG A 46 7.15 4.21 -3.63
C ARG A 46 7.60 5.33 -4.55
N PHE A 47 7.05 6.53 -4.36
CA PHE A 47 7.49 7.67 -5.17
C PHE A 47 8.93 8.06 -4.90
N LEU A 48 9.39 7.88 -3.66
CA LEU A 48 10.78 8.22 -3.34
C LEU A 48 11.76 7.35 -4.12
N GLU A 49 11.49 6.05 -4.19
CA GLU A 49 12.41 5.15 -4.89
C GLU A 49 12.33 5.33 -6.40
N LEU A 50 11.14 5.64 -6.92
CA LEU A 50 11.01 5.91 -8.34
C LEU A 50 11.73 7.20 -8.71
N TYR A 51 11.66 8.22 -7.85
CA TYR A 51 12.44 9.44 -8.06
C TYR A 51 13.93 9.16 -7.96
N LYS A 52 14.36 8.46 -6.90
CA LYS A 52 15.78 8.20 -6.68
C LYS A 52 16.41 7.46 -7.84
N LYS A 53 15.69 6.49 -8.40
CA LYS A 53 16.22 5.65 -9.46
C LYS A 53 15.89 6.14 -10.86
N GLY A 54 15.34 7.35 -10.98
CA GLY A 54 15.02 7.88 -12.30
C GLY A 54 14.16 6.95 -13.14
N SER A 55 13.19 6.29 -12.51
CA SER A 55 12.43 5.26 -13.20
C SER A 55 11.57 5.88 -14.30
N PRO A 56 11.50 5.24 -15.47
CA PRO A 56 10.63 5.74 -16.54
C PRO A 56 9.15 5.54 -16.26
N GLU A 57 8.79 4.71 -15.29
CA GLU A 57 7.40 4.49 -14.91
C GLU A 57 6.85 5.60 -14.03
N LEU A 58 7.67 6.58 -13.66
CA LEU A 58 7.26 7.59 -12.70
C LEU A 58 6.12 8.44 -13.24
N ASP A 59 6.21 8.85 -14.51
CA ASP A 59 5.19 9.73 -15.08
C ASP A 59 3.81 9.08 -15.04
N ALA A 60 3.73 7.79 -15.39
CA ALA A 60 2.45 7.11 -15.39
C ALA A 60 1.89 6.97 -13.98
N LEU A 61 2.76 6.69 -13.01
CA LEU A 61 2.30 6.54 -11.62
C LEU A 61 1.94 7.88 -11.01
N LEU A 62 2.61 8.96 -11.43
CA LEU A 62 2.20 10.29 -10.99
C LEU A 62 0.83 10.65 -11.53
N LYS A 63 0.54 10.29 -12.79
CA LYS A 63 -0.78 10.53 -13.34
C LYS A 63 -1.83 9.66 -12.67
N GLU A 64 -1.49 8.41 -12.38
CA GLU A 64 -2.44 7.49 -11.77
C GLU A 64 -2.81 7.95 -10.36
N HIS A 65 -1.81 8.16 -9.50
CA HIS A 65 -2.09 8.53 -8.13
C HIS A 65 -2.57 9.97 -8.01
N GLY A 66 -2.10 10.87 -8.87
CA GLY A 66 -2.61 12.22 -8.89
C GLY A 66 -4.10 12.28 -9.18
N LYS A 67 -4.59 11.38 -10.03
CA LYS A 67 -6.02 11.28 -10.27
C LYS A 67 -6.75 10.77 -9.02
N THR A 68 -6.12 9.86 -8.28
CA THR A 68 -6.73 9.33 -7.06
C THR A 68 -6.89 10.42 -6.01
N VAL A 69 -5.87 11.27 -5.85
CA VAL A 69 -5.93 12.34 -4.87
C VAL A 69 -7.01 13.35 -5.24
N LEU A 70 -7.01 13.79 -6.50
CA LEU A 70 -8.00 14.78 -6.93
C LEU A 70 -9.41 14.22 -6.90
N ASP A 71 -9.58 12.93 -7.19
CA ASP A 71 -10.92 12.33 -7.13
C ASP A 71 -11.47 12.37 -5.71
N ALA A 72 -10.62 12.19 -4.71
CA ALA A 72 -11.08 12.26 -3.33
C ALA A 72 -11.49 13.67 -2.95
N LEU A 73 -10.70 14.67 -3.35
CA LEU A 73 -11.06 16.05 -3.05
C LEU A 73 -12.33 16.47 -3.79
N ILE A 74 -12.46 16.08 -5.05
CA ILE A 74 -13.63 16.45 -5.85
C ILE A 74 -14.90 15.87 -5.22
N GLU A 75 -14.85 14.59 -4.86
CA GLU A 75 -16.02 13.92 -4.29
C GLU A 75 -16.41 14.55 -2.95
N ILE A 76 -15.43 14.86 -2.11
CA ILE A 76 -15.73 15.46 -0.80
C ILE A 76 -16.35 16.84 -0.96
N ALA A 77 -15.84 17.61 -1.92
CA ALA A 77 -16.41 18.94 -2.16
C ALA A 77 -17.85 18.83 -2.65
N ARG A 78 -18.12 17.88 -3.55
CA ARG A 78 -19.47 17.73 -4.08
C ARG A 78 -20.45 17.29 -2.99
N LEU A 79 -19.98 16.46 -2.06
CA LEU A 79 -20.85 16.04 -0.96
C LEU A 79 -21.10 17.18 0.01
N ARG A 80 -20.08 17.99 0.29
CA ARG A 80 -20.24 19.07 1.28
C ARG A 80 -21.19 20.15 0.76
N TYR A 81 -20.96 20.65 -0.44
CA TYR A 81 -21.72 21.77 -0.97
C TYR A 81 -23.08 21.36 -1.52
N SER A 82 -23.43 20.08 -1.48
CA SER A 82 -24.77 19.63 -1.84
C SER A 82 -25.56 19.14 -0.63
N GLY A 83 -25.07 19.41 0.57
CA GLY A 83 -25.75 18.99 1.78
C GLY A 83 -25.72 17.51 2.08
N GLU A 84 -24.83 16.76 1.42
CA GLU A 84 -24.76 15.32 1.60
C GLU A 84 -23.71 14.97 2.66
N ASP A 85 -23.76 13.72 3.13
CA ASP A 85 -22.93 13.27 4.24
C ASP A 85 -21.53 12.91 3.70
N TYR A 86 -20.53 13.69 4.09
CA TYR A 86 -19.14 13.45 3.71
C TYR A 86 -18.33 12.84 4.84
N ARG A 87 -18.95 12.59 6.00
CA ARG A 87 -18.21 12.18 7.19
C ARG A 87 -17.50 10.84 6.98
N SER A 88 -18.14 9.92 6.26
CA SER A 88 -17.53 8.61 6.05
C SER A 88 -16.20 8.73 5.31
N LEU A 89 -16.16 9.56 4.27
CA LEU A 89 -14.94 9.70 3.49
C LEU A 89 -13.84 10.40 4.28
N ILE A 90 -14.21 11.44 5.03
CA ILE A 90 -13.23 12.17 5.83
C ILE A 90 -12.57 11.25 6.85
N LYS A 91 -13.36 10.38 7.48
CA LYS A 91 -12.83 9.53 8.55
C LYS A 91 -11.85 8.50 8.02
N GLU A 92 -12.23 7.79 6.96
CA GLU A 92 -11.34 6.75 6.43
C GLU A 92 -10.14 7.34 5.70
N LEU A 93 -10.26 8.56 5.17
CA LEU A 93 -9.10 9.21 4.57
C LEU A 93 -8.12 9.65 5.65
N ALA A 94 -8.63 10.15 6.78
CA ALA A 94 -7.77 10.54 7.89
C ALA A 94 -7.21 9.33 8.62
N LYS A 95 -7.99 8.25 8.70
CA LYS A 95 -7.50 7.03 9.36
C LYS A 95 -6.30 6.45 8.61
N SER A 96 -6.43 6.35 7.28
CA SER A 96 -5.38 5.73 6.48
C SER A 96 -4.10 6.55 6.48
N HIS A 97 -4.21 7.88 6.61
CA HIS A 97 -3.04 8.74 6.52
C HIS A 97 -2.40 9.01 7.87
N LYS A 98 -3.15 8.89 8.97
CA LYS A 98 -2.54 9.01 10.29
C LYS A 98 -1.95 7.69 10.74
N GLU A 99 -2.71 6.60 10.59
CA GLU A 99 -2.31 5.30 11.13
C GLU A 99 -1.50 4.48 10.14
N GLU A 100 -1.95 4.38 8.89
CA GLU A 100 -1.32 3.51 7.91
C GLU A 100 -0.15 4.20 7.20
N HIS A 101 -0.41 5.35 6.58
CA HIS A 101 0.63 6.05 5.84
C HIS A 101 1.53 6.90 6.72
N LYS A 102 1.04 7.31 7.90
CA LYS A 102 1.82 8.09 8.87
C LYS A 102 2.28 9.41 8.27
N ILE A 103 1.33 10.21 7.84
CA ILE A 103 1.60 11.48 7.17
C ILE A 103 1.17 12.62 8.08
N PRO A 104 2.09 13.51 8.47
CA PRO A 104 1.68 14.67 9.27
C PRO A 104 0.73 15.57 8.49
N ILE A 105 -0.05 16.36 9.25
CA ILE A 105 -1.04 17.25 8.67
C ILE A 105 -0.36 18.30 7.78
N GLU A 106 0.83 18.76 8.17
CA GLU A 106 1.51 19.79 7.40
C GLU A 106 1.84 19.32 5.99
N ASP A 107 2.14 18.03 5.82
CA ASP A 107 2.39 17.50 4.48
C ASP A 107 1.12 17.51 3.64
N LEU A 108 -0.03 17.29 4.27
CA LEU A 108 -1.30 17.42 3.56
C LEU A 108 -1.51 18.85 3.07
N ARG A 109 -1.10 19.83 3.88
CA ARG A 109 -1.20 21.22 3.45
C ARG A 109 -0.33 21.50 2.23
N HIS A 110 0.80 20.82 2.12
CA HIS A 110 1.68 21.01 0.96
C HIS A 110 0.98 20.60 -0.33
N ILE A 111 0.18 19.53 -0.29
CA ILE A 111 -0.60 19.13 -1.45
C ILE A 111 -1.62 20.20 -1.80
N ALA A 112 -2.35 20.69 -0.80
CA ALA A 112 -3.37 21.72 -1.05
C ALA A 112 -2.73 23.01 -1.56
N GLU A 113 -1.56 23.37 -1.02
CA GLU A 113 -0.86 24.55 -1.52
C GLU A 113 -0.38 24.36 -2.95
N ALA A 114 0.00 23.13 -3.32
CA ALA A 114 0.43 22.87 -4.68
C ALA A 114 -0.74 22.94 -5.65
N LEU A 115 -1.92 22.47 -5.23
CA LEU A 115 -3.11 22.55 -6.07
C LEU A 115 -3.45 24.00 -6.40
N LEU A 116 -3.37 24.88 -5.40
CA LEU A 116 -3.61 26.30 -5.64
C LEU A 116 -2.62 26.86 -6.64
N ALA A 117 -1.35 26.49 -6.52
CA ALA A 117 -0.33 27.02 -7.42
C ALA A 117 -0.48 26.47 -8.83
N VAL A 118 -0.82 25.18 -8.95
CA VAL A 118 -0.97 24.58 -10.26
C VAL A 118 -2.16 25.18 -11.00
N LEU A 119 -3.29 25.35 -10.30
CA LEU A 119 -4.48 25.89 -10.95
C LEU A 119 -4.28 27.33 -11.39
N ALA A 120 -3.49 28.10 -10.64
CA ALA A 120 -3.18 29.46 -11.06
C ALA A 120 -2.37 29.47 -12.34
N GLU A 121 -1.58 28.41 -12.58
CA GLU A 121 -0.82 28.32 -13.82
C GLU A 121 -1.65 27.73 -14.95
N ARG A 122 -2.47 26.71 -14.65
CA ARG A 122 -3.22 26.02 -15.68
C ARG A 122 -4.43 26.80 -16.15
N PHE A 123 -5.06 27.58 -15.27
CA PHE A 123 -6.25 28.36 -15.60
C PHE A 123 -6.06 29.83 -15.22
N PRO A 124 -5.09 30.50 -15.85
CA PRO A 124 -4.75 31.86 -15.40
C PRO A 124 -5.83 32.89 -15.65
N ASP A 125 -6.70 32.69 -16.63
CA ASP A 125 -7.76 33.65 -16.95
C ASP A 125 -9.09 33.30 -16.28
N GLU A 126 -9.17 32.17 -15.58
CA GLU A 126 -10.35 31.81 -14.81
C GLU A 126 -10.10 31.77 -13.32
N PHE A 127 -8.88 31.47 -12.90
CA PHE A 127 -8.53 31.39 -11.48
C PHE A 127 -8.19 32.77 -10.95
N GLY A 128 -9.22 33.58 -10.81
CA GLY A 128 -9.07 34.93 -10.31
C GLY A 128 -9.12 34.99 -8.80
N PRO A 129 -9.30 36.19 -8.23
CA PRO A 129 -9.34 36.30 -6.77
C PRO A 129 -10.53 35.59 -6.15
N GLU A 130 -11.69 35.67 -6.79
CA GLU A 130 -12.88 35.00 -6.25
C GLU A 130 -12.69 33.48 -6.24
N ALA A 131 -12.18 32.93 -7.34
CA ALA A 131 -11.98 31.48 -7.42
C ALA A 131 -10.89 31.03 -6.44
N ARG A 132 -9.82 31.81 -6.30
CA ARG A 132 -8.75 31.43 -5.37
C ARG A 132 -9.23 31.45 -3.93
N ALA A 133 -9.99 32.49 -3.55
CA ALA A 133 -10.49 32.57 -2.18
C ALA A 133 -11.48 31.45 -1.87
N ALA A 134 -12.29 31.07 -2.86
CA ALA A 134 -13.26 30.00 -2.64
C ALA A 134 -12.57 28.65 -2.50
N LEU A 135 -11.59 28.36 -3.37
CA LEU A 135 -10.88 27.10 -3.27
C LEU A 135 -10.03 27.04 -2.01
N THR A 136 -9.38 28.17 -1.66
CA THR A 136 -8.58 28.21 -0.44
C THR A 136 -9.45 27.94 0.79
N ASP A 137 -10.67 28.48 0.81
CA ASP A 137 -11.58 28.26 1.92
C ASP A 137 -11.97 26.78 2.04
N PHE A 138 -12.25 26.13 0.91
CA PHE A 138 -12.56 24.70 0.96
C PHE A 138 -11.36 23.89 1.40
N LEU A 139 -10.18 24.22 0.89
CA LEU A 139 -8.97 23.46 1.24
C LEU A 139 -8.60 23.66 2.70
N ASP A 140 -8.74 24.89 3.21
CA ASP A 140 -8.55 25.11 4.64
C ASP A 140 -9.58 24.33 5.44
N TRP A 141 -10.81 24.26 4.96
CA TRP A 141 -11.84 23.47 5.62
C TRP A 141 -11.50 21.98 5.59
N PHE A 142 -11.03 21.50 4.43
CA PHE A 142 -10.70 20.07 4.31
C PHE A 142 -9.58 19.68 5.26
N ILE A 143 -8.54 20.51 5.34
CA ILE A 143 -7.40 20.20 6.21
C ILE A 143 -7.85 20.20 7.67
N ALA A 144 -8.67 21.17 8.06
CA ALA A 144 -9.15 21.23 9.44
C ALA A 144 -10.03 20.03 9.78
N GLU A 145 -10.77 19.50 8.80
CA GLU A 145 -11.59 18.33 9.06
C GLU A 145 -10.72 17.09 9.28
N ILE A 146 -9.73 16.90 8.42
CA ILE A 146 -8.78 15.80 8.60
C ILE A 146 -8.01 15.96 9.90
N GLU A 147 -7.57 17.19 10.19
CA GLU A 147 -6.83 17.46 11.41
C GLU A 147 -7.68 17.16 12.64
N GLU A 148 -8.98 17.49 12.59
CA GLU A 148 -9.87 17.17 13.70
C GLU A 148 -10.01 15.67 13.89
N GLU A 149 -10.06 14.91 12.79
CA GLU A 149 -10.12 13.46 12.89
C GLU A 149 -8.81 12.88 13.39
N TYR A 150 -7.69 13.55 13.09
CA TYR A 150 -6.41 13.14 13.64
C TYR A 150 -6.43 13.17 15.16
N LYS A 151 -7.06 14.20 15.74
CA LYS A 151 -7.07 14.39 17.19
C LYS A 151 -8.20 13.59 17.83
N LYS A 152 -8.13 12.27 17.65
CA LYS A 152 -9.11 11.34 18.23
C LYS A 152 -8.43 10.02 18.61
N SER B 4 22.21 -30.80 1.88
CA SER B 4 22.39 -31.91 0.96
C SER B 4 21.61 -31.70 -0.33
N GLU B 5 21.98 -32.44 -1.38
CA GLU B 5 21.25 -32.36 -2.63
C GLU B 5 19.83 -32.89 -2.50
N GLU B 6 19.61 -33.83 -1.58
CA GLU B 6 18.26 -34.35 -1.38
C GLU B 6 17.35 -33.27 -0.78
N LYS B 7 17.86 -32.52 0.19
CA LYS B 7 17.07 -31.45 0.80
C LYS B 7 16.64 -30.43 -0.23
N ALA B 8 17.49 -30.16 -1.22
CA ALA B 8 17.14 -29.21 -2.27
C ALA B 8 15.96 -29.70 -3.09
N ALA B 9 16.00 -30.96 -3.53
CA ALA B 9 14.89 -31.52 -4.30
C ALA B 9 13.64 -31.66 -3.45
N LEU B 10 13.78 -31.89 -2.15
CA LEU B 10 12.63 -31.97 -1.27
C LEU B 10 11.91 -30.62 -1.18
N VAL B 11 12.67 -29.53 -1.14
CA VAL B 11 12.06 -28.20 -1.09
C VAL B 11 11.36 -27.89 -2.39
N LEU B 12 11.99 -28.21 -3.52
CA LEU B 12 11.37 -27.93 -4.82
C LEU B 12 10.15 -28.81 -5.06
N ALA B 13 10.22 -30.08 -4.67
CA ALA B 13 9.08 -30.98 -4.85
C ALA B 13 7.89 -30.54 -4.00
N LEU B 14 8.16 -30.11 -2.76
CA LEU B 14 7.08 -29.60 -1.92
C LEU B 14 6.48 -28.32 -2.51
N PHE B 15 7.33 -27.40 -2.95
CA PHE B 15 6.85 -26.17 -3.54
C PHE B 15 6.14 -26.42 -4.87
N ASP B 16 6.48 -27.50 -5.56
CA ASP B 16 5.72 -27.89 -6.75
C ASP B 16 4.30 -28.29 -6.37
N ARG B 17 4.16 -29.08 -5.30
CA ARG B 17 2.83 -29.44 -4.81
C ARG B 17 2.11 -28.23 -4.23
N VAL B 18 2.85 -27.28 -3.66
CA VAL B 18 2.24 -26.07 -3.13
C VAL B 18 1.65 -25.23 -4.25
N GLU B 19 2.38 -25.12 -5.37
CA GLU B 19 1.91 -24.32 -6.50
C GLU B 19 0.65 -24.89 -7.13
N ALA B 20 0.40 -26.19 -6.96
CA ALA B 20 -0.78 -26.82 -7.55
C ALA B 20 -2.08 -26.31 -6.93
N ASP B 21 -2.02 -25.70 -5.74
CA ASP B 21 -3.21 -25.17 -5.08
C ASP B 21 -2.84 -24.02 -4.16
N ARG B 22 -2.03 -23.08 -4.67
CA ARG B 22 -1.50 -22.01 -3.83
C ARG B 22 -2.59 -21.04 -3.36
N GLU B 23 -3.80 -21.12 -3.90
CA GLU B 23 -4.89 -20.26 -3.43
C GLU B 23 -5.44 -20.75 -2.09
N GLU B 24 -5.71 -22.05 -1.98
CA GLU B 24 -6.19 -22.60 -0.72
C GLU B 24 -5.08 -22.68 0.32
N ILE B 25 -3.85 -22.92 -0.11
CA ILE B 25 -2.73 -22.97 0.82
C ILE B 25 -2.46 -21.59 1.40
N GLY B 26 -2.34 -20.58 0.53
CA GLY B 26 -2.03 -19.24 0.99
C GLY B 26 -3.12 -18.67 1.88
N ALA B 27 -4.38 -18.90 1.54
CA ALA B 27 -5.47 -18.45 2.40
C ALA B 27 -5.41 -19.14 3.76
N ALA B 28 -5.08 -20.43 3.77
CA ALA B 28 -4.95 -21.15 5.03
C ALA B 28 -3.76 -20.65 5.84
N VAL B 29 -2.65 -20.30 5.17
CA VAL B 29 -1.50 -19.76 5.87
C VAL B 29 -1.83 -18.39 6.46
N LEU B 30 -2.51 -17.53 5.70
CA LEU B 30 -2.89 -16.22 6.21
C LEU B 30 -3.85 -16.34 7.38
N ARG B 31 -4.87 -17.19 7.25
CA ARG B 31 -5.80 -17.39 8.35
C ARG B 31 -5.08 -17.91 9.59
N ARG B 32 -4.13 -18.83 9.41
CA ARG B 32 -3.40 -19.37 10.56
C ARG B 32 -2.56 -18.29 11.23
N THR B 33 -1.87 -17.46 10.43
CA THR B 33 -1.05 -16.39 10.99
C THR B 33 -1.91 -15.40 11.77
N PHE B 34 -3.01 -14.94 11.16
CA PHE B 34 -3.85 -13.94 11.80
C PHE B 34 -4.54 -14.49 13.04
N GLU B 35 -4.97 -15.77 12.99
CA GLU B 35 -5.69 -16.35 14.12
C GLU B 35 -4.78 -16.56 15.32
N GLU B 36 -3.56 -17.06 15.10
CA GLU B 36 -2.64 -17.30 16.20
C GLU B 36 -1.87 -16.05 16.61
N HIS B 37 -1.86 -15.01 15.80
CA HIS B 37 -1.13 -13.78 16.10
C HIS B 37 -1.99 -12.58 15.73
N PRO B 38 -2.91 -12.19 16.61
CA PRO B 38 -3.69 -10.97 16.36
C PRO B 38 -2.84 -9.72 16.26
N GLU B 39 -1.66 -9.71 16.88
CA GLU B 39 -0.75 -8.58 16.74
C GLU B 39 -0.21 -8.47 15.32
N THR B 40 -0.19 -9.57 14.56
CA THR B 40 0.28 -9.54 13.19
C THR B 40 -0.81 -9.04 12.24
N LEU B 41 -2.07 -9.44 12.50
CA LEU B 41 -3.17 -8.97 11.68
C LEU B 41 -3.33 -7.46 11.76
N LYS B 42 -3.00 -6.87 12.92
CA LYS B 42 -3.08 -5.42 13.07
C LYS B 42 -2.17 -4.72 12.08
N LYS B 43 -1.00 -5.31 11.79
CA LYS B 43 -0.03 -4.74 10.87
C LYS B 43 -0.40 -4.97 9.40
N PHE B 44 -1.63 -5.41 9.13
CA PHE B 44 -2.15 -5.54 7.78
C PHE B 44 -3.52 -4.89 7.77
N PRO B 45 -3.57 -3.56 7.57
CA PRO B 45 -4.83 -2.84 7.80
C PRO B 45 -5.94 -3.24 6.85
N ARG B 46 -5.65 -3.57 5.59
CA ARG B 46 -6.71 -3.97 4.67
C ARG B 46 -7.38 -5.26 5.14
N PHE B 47 -6.59 -6.22 5.63
CA PHE B 47 -7.17 -7.46 6.15
C PHE B 47 -7.83 -7.24 7.51
N LEU B 48 -7.23 -6.40 8.35
CA LEU B 48 -7.81 -6.14 9.67
C LEU B 48 -9.21 -5.56 9.56
N GLU B 49 -9.43 -4.67 8.60
CA GLU B 49 -10.77 -4.09 8.43
C GLU B 49 -11.74 -5.12 7.88
N LEU B 50 -11.28 -6.01 7.00
CA LEU B 50 -12.15 -7.05 6.49
C LEU B 50 -12.56 -8.02 7.60
N TYR B 51 -11.62 -8.35 8.48
CA TYR B 51 -11.95 -9.19 9.64
C TYR B 51 -12.90 -8.48 10.58
N LYS B 52 -12.60 -7.21 10.91
CA LYS B 52 -13.39 -6.49 11.90
C LYS B 52 -14.83 -6.29 11.43
N LYS B 53 -15.03 -6.01 10.15
CA LYS B 53 -16.35 -5.70 9.62
C LYS B 53 -17.07 -6.92 9.08
N GLY B 54 -16.54 -8.12 9.28
CA GLY B 54 -17.17 -9.32 8.77
C GLY B 54 -17.42 -9.29 7.28
N SER B 55 -16.48 -8.77 6.51
CA SER B 55 -16.69 -8.57 5.08
C SER B 55 -16.82 -9.91 4.37
N PRO B 56 -17.81 -10.08 3.48
CA PRO B 56 -17.91 -11.32 2.70
C PRO B 56 -16.80 -11.49 1.67
N GLU B 57 -16.05 -10.43 1.37
CA GLU B 57 -14.96 -10.50 0.41
C GLU B 57 -13.65 -10.99 1.02
N LEU B 58 -13.64 -11.32 2.31
CA LEU B 58 -12.41 -11.72 2.97
C LEU B 58 -11.85 -13.00 2.39
N ASP B 59 -12.73 -13.96 2.08
CA ASP B 59 -12.26 -15.25 1.56
C ASP B 59 -11.54 -15.08 0.24
N ALA B 60 -12.09 -14.29 -0.67
CA ALA B 60 -11.43 -14.07 -1.96
C ALA B 60 -10.15 -13.27 -1.79
N LEU B 61 -10.15 -12.31 -0.86
CA LEU B 61 -8.93 -11.55 -0.60
C LEU B 61 -7.84 -12.45 -0.02
N LEU B 62 -8.22 -13.40 0.84
CA LEU B 62 -7.23 -14.29 1.43
C LEU B 62 -6.63 -15.23 0.39
N LYS B 63 -7.44 -15.72 -0.54
CA LYS B 63 -6.92 -16.63 -1.56
C LYS B 63 -6.09 -15.89 -2.60
N GLU B 64 -6.39 -14.61 -2.84
CA GLU B 64 -5.62 -13.84 -3.81
C GLU B 64 -4.23 -13.51 -3.27
N HIS B 65 -4.19 -12.82 -2.12
CA HIS B 65 -2.91 -12.44 -1.54
C HIS B 65 -2.15 -13.65 -1.01
N GLY B 66 -2.87 -14.71 -0.65
CA GLY B 66 -2.20 -15.95 -0.27
C GLY B 66 -1.41 -16.53 -1.42
N LYS B 67 -1.94 -16.41 -2.64
CA LYS B 67 -1.20 -16.86 -3.81
C LYS B 67 0.03 -16.00 -4.04
N THR B 68 -0.10 -14.69 -3.85
CA THR B 68 1.02 -13.78 -4.10
C THR B 68 2.17 -14.06 -3.13
N VAL B 69 1.84 -14.28 -1.85
CA VAL B 69 2.89 -14.58 -0.87
C VAL B 69 3.58 -15.88 -1.22
N LEU B 70 2.81 -16.90 -1.60
CA LEU B 70 3.40 -18.18 -1.99
C LEU B 70 4.17 -18.05 -3.31
N ASP B 71 3.61 -17.32 -4.27
CA ASP B 71 4.29 -17.13 -5.55
C ASP B 71 5.70 -16.58 -5.35
N ALA B 72 5.86 -15.66 -4.40
CA ALA B 72 7.18 -15.14 -4.10
C ALA B 72 8.09 -16.23 -3.55
N LEU B 73 7.62 -16.97 -2.54
CA LEU B 73 8.43 -18.04 -1.96
C LEU B 73 8.72 -19.12 -2.99
N ILE B 74 7.78 -19.36 -3.91
CA ILE B 74 8.01 -20.32 -4.99
C ILE B 74 9.23 -19.90 -5.81
N GLU B 75 9.31 -18.62 -6.17
CA GLU B 75 10.35 -18.16 -7.08
C GLU B 75 11.70 -18.07 -6.37
N ILE B 76 11.72 -17.63 -5.11
CA ILE B 76 12.98 -17.52 -4.39
C ILE B 76 13.64 -18.89 -4.25
N ALA B 77 12.86 -19.92 -3.91
CA ALA B 77 13.42 -21.26 -3.78
C ALA B 77 13.89 -21.80 -5.12
N ARG B 78 13.09 -21.63 -6.17
CA ARG B 78 13.48 -22.14 -7.48
C ARG B 78 14.72 -21.45 -8.00
N LEU B 79 14.92 -20.17 -7.65
CA LEU B 79 16.13 -19.47 -8.08
C LEU B 79 17.35 -19.95 -7.28
N ARG B 80 17.19 -20.14 -5.97
CA ARG B 80 18.33 -20.49 -5.13
C ARG B 80 18.86 -21.88 -5.46
N TYR B 81 17.97 -22.86 -5.56
CA TYR B 81 18.40 -24.24 -5.74
C TYR B 81 18.70 -24.59 -7.20
N SER B 82 18.42 -23.69 -8.14
CA SER B 82 18.88 -23.84 -9.51
C SER B 82 20.15 -23.04 -9.78
N GLY B 83 20.76 -22.48 -8.73
CA GLY B 83 21.99 -21.73 -8.90
C GLY B 83 21.84 -20.40 -9.59
N GLU B 84 20.66 -19.80 -9.52
CA GLU B 84 20.36 -18.54 -10.19
C GLU B 84 20.38 -17.38 -9.21
N ASP B 85 20.56 -16.18 -9.75
CA ASP B 85 20.62 -14.97 -8.93
C ASP B 85 19.21 -14.64 -8.41
N TYR B 86 19.08 -14.60 -7.08
CA TYR B 86 17.83 -14.30 -6.42
C TYR B 86 17.87 -13.00 -5.63
N ARG B 87 19.00 -12.28 -5.65
CA ARG B 87 19.17 -11.15 -4.75
C ARG B 87 18.20 -10.02 -5.07
N SER B 88 17.95 -9.78 -6.36
CA SER B 88 17.09 -8.67 -6.75
C SER B 88 15.68 -8.83 -6.18
N LEU B 89 15.15 -10.05 -6.18
CA LEU B 89 13.83 -10.28 -5.60
C LEU B 89 13.87 -10.14 -4.08
N ILE B 90 14.95 -10.59 -3.45
CA ILE B 90 15.10 -10.37 -2.02
C ILE B 90 15.22 -8.89 -1.70
N LYS B 91 15.89 -8.13 -2.59
CA LYS B 91 16.03 -6.69 -2.38
C LYS B 91 14.67 -6.00 -2.38
N GLU B 92 13.86 -6.26 -3.40
CA GLU B 92 12.56 -5.57 -3.50
C GLU B 92 11.59 -6.03 -2.42
N LEU B 93 11.58 -7.33 -2.13
CA LEU B 93 10.66 -7.84 -1.11
C LEU B 93 10.97 -7.24 0.25
N ALA B 94 12.25 -7.18 0.63
CA ALA B 94 12.62 -6.55 1.88
C ALA B 94 12.39 -5.04 1.83
N LYS B 95 12.58 -4.43 0.66
CA LYS B 95 12.32 -3.00 0.52
C LYS B 95 10.84 -2.69 0.74
N SER B 96 9.95 -3.52 0.17
CA SER B 96 8.53 -3.26 0.27
C SER B 96 8.02 -3.49 1.69
N HIS B 97 8.54 -4.49 2.39
CA HIS B 97 8.02 -4.81 3.71
C HIS B 97 8.66 -3.98 4.82
N LYS B 98 9.85 -3.42 4.59
CA LYS B 98 10.46 -2.58 5.61
C LYS B 98 10.02 -1.13 5.47
N GLU B 99 10.03 -0.60 4.25
CA GLU B 99 9.68 0.80 4.00
C GLU B 99 8.22 0.98 3.63
N GLU B 100 7.75 0.25 2.62
CA GLU B 100 6.39 0.46 2.13
C GLU B 100 5.36 -0.07 3.12
N HIS B 101 5.52 -1.31 3.57
CA HIS B 101 4.54 -1.94 4.44
C HIS B 101 4.90 -1.85 5.93
N LYS B 102 6.18 -1.66 6.25
CA LYS B 102 6.63 -1.50 7.63
C LYS B 102 6.23 -2.69 8.50
N ILE B 103 6.77 -3.85 8.15
CA ILE B 103 6.48 -5.10 8.84
C ILE B 103 7.76 -5.60 9.50
N PRO B 104 7.77 -5.85 10.80
CA PRO B 104 8.98 -6.35 11.46
C PRO B 104 9.31 -7.78 11.02
N ILE B 105 10.50 -8.22 11.42
CA ILE B 105 10.97 -9.55 11.04
C ILE B 105 10.17 -10.63 11.75
N GLU B 106 9.87 -10.43 13.04
CA GLU B 106 9.14 -11.44 13.80
C GLU B 106 7.76 -11.69 13.21
N ASP B 107 7.18 -10.68 12.56
CA ASP B 107 5.91 -10.87 11.87
C ASP B 107 6.10 -11.63 10.56
N LEU B 108 7.20 -11.37 9.85
CA LEU B 108 7.50 -12.15 8.65
C LEU B 108 7.66 -13.62 8.98
N ARG B 109 8.24 -13.92 10.14
CA ARG B 109 8.53 -15.31 10.49
C ARG B 109 7.28 -16.08 10.88
N HIS B 110 6.24 -15.38 11.33
CA HIS B 110 4.99 -16.06 11.66
C HIS B 110 4.33 -16.63 10.41
N ILE B 111 4.50 -15.97 9.27
CA ILE B 111 4.02 -16.52 8.00
C ILE B 111 4.76 -17.83 7.69
N ALA B 112 6.07 -17.85 7.93
CA ALA B 112 6.84 -19.07 7.69
C ALA B 112 6.43 -20.16 8.67
N GLU B 113 6.20 -19.81 9.93
CA GLU B 113 5.76 -20.80 10.91
C GLU B 113 4.39 -21.35 10.56
N ALA B 114 3.50 -20.50 10.07
CA ALA B 114 2.18 -20.97 9.65
C ALA B 114 2.28 -21.88 8.42
N LEU B 115 3.26 -21.63 7.54
CA LEU B 115 3.41 -22.45 6.35
C LEU B 115 3.77 -23.88 6.69
N LEU B 116 4.71 -24.07 7.63
CA LEU B 116 5.08 -25.42 8.05
C LEU B 116 3.91 -26.15 8.68
N ALA B 117 3.11 -25.44 9.48
CA ALA B 117 1.96 -26.06 10.12
C ALA B 117 0.88 -26.41 9.11
N VAL B 118 0.64 -25.54 8.14
CA VAL B 118 -0.38 -25.80 7.12
C VAL B 118 0.02 -26.98 6.24
N LEU B 119 1.28 -27.03 5.82
CA LEU B 119 1.72 -28.13 4.97
C LEU B 119 1.78 -29.44 5.74
N ALA B 120 2.03 -29.40 7.04
CA ALA B 120 2.06 -30.63 7.83
C ALA B 120 0.67 -31.23 7.99
N GLU B 121 -0.39 -30.46 7.73
CA GLU B 121 -1.76 -30.93 7.90
C GLU B 121 -2.38 -31.41 6.59
N ARG B 122 -2.14 -30.70 5.49
CA ARG B 122 -2.71 -31.14 4.21
C ARG B 122 -1.91 -32.28 3.58
N PHE B 123 -0.59 -32.30 3.75
CA PHE B 123 0.20 -33.38 3.16
C PHE B 123 0.81 -34.24 4.25
N PRO B 124 0.02 -35.02 5.00
CA PRO B 124 0.61 -35.80 6.09
C PRO B 124 1.43 -36.98 5.60
N ASP B 125 1.18 -37.45 4.38
CA ASP B 125 1.99 -38.54 3.84
C ASP B 125 3.32 -38.05 3.31
N GLU B 126 3.34 -36.90 2.65
CA GLU B 126 4.55 -36.38 2.02
C GLU B 126 5.39 -35.55 2.96
N PHE B 127 4.82 -34.99 4.03
CA PHE B 127 5.54 -34.08 4.92
C PHE B 127 6.15 -34.86 6.08
N GLY B 128 7.14 -35.68 5.73
CA GLY B 128 7.90 -36.40 6.71
C GLY B 128 8.85 -35.48 7.47
N PRO B 129 9.59 -36.06 8.41
CA PRO B 129 10.55 -35.24 9.18
C PRO B 129 11.68 -34.67 8.34
N GLU B 130 12.07 -35.35 7.26
CA GLU B 130 13.12 -34.79 6.41
C GLU B 130 12.59 -33.69 5.50
N ALA B 131 11.33 -33.80 5.05
CA ALA B 131 10.71 -32.71 4.31
C ALA B 131 10.54 -31.49 5.20
N ARG B 132 10.13 -31.70 6.45
CA ARG B 132 10.03 -30.59 7.39
C ARG B 132 11.39 -29.96 7.64
N ALA B 133 12.43 -30.78 7.79
CA ALA B 133 13.76 -30.24 8.03
C ALA B 133 14.26 -29.44 6.84
N ALA B 134 13.94 -29.88 5.63
CA ALA B 134 14.39 -29.18 4.43
C ALA B 134 13.69 -27.85 4.29
N LEU B 135 12.37 -27.82 4.49
CA LEU B 135 11.63 -26.57 4.35
C LEU B 135 11.98 -25.59 5.45
N THR B 136 12.15 -26.08 6.69
CA THR B 136 12.55 -25.21 7.78
C THR B 136 13.90 -24.57 7.50
N ASP B 137 14.82 -25.31 6.87
CA ASP B 137 16.12 -24.75 6.52
C ASP B 137 15.98 -23.63 5.51
N PHE B 138 15.16 -23.84 4.47
CA PHE B 138 14.95 -22.80 3.47
C PHE B 138 14.24 -21.59 4.06
N LEU B 139 13.21 -21.83 4.89
CA LEU B 139 12.49 -20.71 5.50
C LEU B 139 13.38 -19.94 6.45
N ASP B 140 14.08 -20.64 7.35
CA ASP B 140 15.00 -19.97 8.25
C ASP B 140 16.10 -19.23 7.48
N TRP B 141 16.48 -19.75 6.32
CA TRP B 141 17.42 -19.03 5.46
C TRP B 141 16.76 -17.82 4.81
N PHE B 142 15.48 -17.94 4.44
CA PHE B 142 14.78 -16.84 3.80
C PHE B 142 14.62 -15.66 4.74
N ILE B 143 14.20 -15.93 5.98
CA ILE B 143 14.07 -14.85 6.97
C ILE B 143 15.42 -14.21 7.24
N ALA B 144 16.49 -15.03 7.26
CA ALA B 144 17.83 -14.50 7.52
C ALA B 144 18.27 -13.54 6.43
N GLU B 145 17.95 -13.85 5.17
CA GLU B 145 18.33 -12.96 4.08
C GLU B 145 17.54 -11.65 4.12
N ILE B 146 16.28 -11.70 4.57
CA ILE B 146 15.50 -10.47 4.70
C ILE B 146 15.99 -9.64 5.86
N GLU B 147 16.39 -10.29 6.96
CA GLU B 147 16.86 -9.54 8.13
C GLU B 147 18.18 -8.84 7.83
N GLU B 148 19.05 -9.47 7.03
CA GLU B 148 20.28 -8.80 6.60
C GLU B 148 19.97 -7.54 5.82
N GLU B 149 18.93 -7.57 4.98
CA GLU B 149 18.55 -6.38 4.21
C GLU B 149 17.93 -5.31 5.09
N TYR B 150 17.13 -5.71 6.08
CA TYR B 150 16.59 -4.74 7.03
C TYR B 150 17.70 -4.00 7.76
N LYS B 151 18.77 -4.70 8.12
CA LYS B 151 19.88 -4.11 8.85
C LYS B 151 20.80 -3.27 7.96
N LYS B 152 20.64 -3.34 6.65
CA LYS B 152 21.44 -2.54 5.73
C LYS B 152 21.25 -1.05 5.97
#